data_3HYD
# 
_entry.id   3HYD 
# 
_audit_conform.dict_name       mmcif_pdbx.dic 
_audit_conform.dict_version    5.389 
_audit_conform.dict_location   http://mmcif.pdb.org/dictionaries/ascii/mmcif_pdbx.dic 
# 
loop_
_database_2.database_id 
_database_2.database_code 
_database_2.pdbx_database_accession 
_database_2.pdbx_DOI 
PDB   3HYD         pdb_00003hyd 10.2210/pdb3hyd/pdb 
RCSB  RCSB053733   ?            ?                   
WWPDB D_1000053733 ?            ?                   
# 
loop_
_pdbx_audit_revision_history.ordinal 
_pdbx_audit_revision_history.data_content_type 
_pdbx_audit_revision_history.major_revision 
_pdbx_audit_revision_history.minor_revision 
_pdbx_audit_revision_history.revision_date 
1 'Structure model' 1 0 2009-10-06 
2 'Structure model' 1 1 2011-07-13 
3 'Structure model' 1 2 2017-11-01 
4 'Structure model' 1 3 2024-02-21 
5 'Structure model' 1 4 2024-04-03 
# 
_pdbx_audit_revision_details.ordinal             1 
_pdbx_audit_revision_details.revision_ordinal    1 
_pdbx_audit_revision_details.data_content_type   'Structure model' 
_pdbx_audit_revision_details.provider            repository 
_pdbx_audit_revision_details.type                'Initial release' 
_pdbx_audit_revision_details.description         ? 
_pdbx_audit_revision_details.details             ? 
# 
loop_
_pdbx_audit_revision_group.ordinal 
_pdbx_audit_revision_group.revision_ordinal 
_pdbx_audit_revision_group.data_content_type 
_pdbx_audit_revision_group.group 
1 2 'Structure model' 'Version format compliance' 
2 3 'Structure model' 'Refinement description'    
3 4 'Structure model' 'Data collection'           
4 4 'Structure model' 'Database references'       
5 5 'Structure model' 'Refinement description'    
# 
loop_
_pdbx_audit_revision_category.ordinal 
_pdbx_audit_revision_category.revision_ordinal 
_pdbx_audit_revision_category.data_content_type 
_pdbx_audit_revision_category.category 
1 3 'Structure model' software                      
2 4 'Structure model' chem_comp_atom                
3 4 'Structure model' chem_comp_bond                
4 4 'Structure model' database_2                    
5 5 'Structure model' pdbx_initial_refinement_model 
# 
loop_
_pdbx_audit_revision_item.ordinal 
_pdbx_audit_revision_item.revision_ordinal 
_pdbx_audit_revision_item.data_content_type 
_pdbx_audit_revision_item.item 
1 4 'Structure model' '_database_2.pdbx_DOI'                
2 4 'Structure model' '_database_2.pdbx_database_accession' 
# 
_pdbx_database_status.entry_id                        3HYD 
_pdbx_database_status.status_code                     REL 
_pdbx_database_status.deposit_site                    RCSB 
_pdbx_database_status.process_site                    RCSB 
_pdbx_database_status.recvd_initial_deposition_date   2009-06-22 
_pdbx_database_status.status_code_sf                  REL 
_pdbx_database_status.status_code_mr                  ? 
_pdbx_database_status.SG_entry                        ? 
_pdbx_database_status.pdb_format_compatible           Y 
_pdbx_database_status.status_code_cs                  ? 
_pdbx_database_status.methods_development_category    ? 
_pdbx_database_status.status_code_nmr_data            ? 
# 
_pdbx_database_related.db_name        PDB 
_pdbx_database_related.db_id          2OMQ 
_pdbx_database_related.details        'Residues 12-17 from the insulin B-chain.' 
_pdbx_database_related.content_type   unspecified 
# 
loop_
_audit_author.name 
_audit_author.pdbx_ordinal 
'Ivanova, M.I.' 1 
'Sawaya, M.R.'  2 
'Eisenberg, D.' 3 
# 
_citation.id                        primary 
_citation.title                     'Molecular basis for insulin fibril assembly.' 
_citation.journal_abbrev            Proc.Natl.Acad.Sci.USA 
_citation.journal_volume            106 
_citation.page_first                18990 
_citation.page_last                 18995 
_citation.year                      2009 
_citation.journal_id_ASTM           PNASA6 
_citation.country                   US 
_citation.journal_id_ISSN           0027-8424 
_citation.journal_id_CSD            0040 
_citation.book_publisher            ? 
_citation.pdbx_database_id_PubMed   19864624 
_citation.pdbx_database_id_DOI      10.1073/pnas.0910080106 
# 
loop_
_citation_author.citation_id 
_citation_author.name 
_citation_author.ordinal 
_citation_author.identifier_ORCID 
primary 'Ivanova, M.I.' 1 ? 
primary 'Sievers, S.A.' 2 ? 
primary 'Sawaya, M.R.'  3 ? 
primary 'Wall, J.S.'    4 ? 
primary 'Eisenberg, D.' 5 ? 
# 
loop_
_entity.id 
_entity.type 
_entity.src_method 
_entity.pdbx_description 
_entity.formula_weight 
_entity.pdbx_number_of_molecules 
_entity.pdbx_ec 
_entity.pdbx_mutation 
_entity.pdbx_fragment 
_entity.details 
1 polymer syn Insulin 819.985 1 ? ? 'UNP residues 34-41 of chain B' ? 
2 water   nat water   18.015  3 ? ? ?                               ? 
# 
_entity_name_com.entity_id   1 
_entity_name_com.name        'Insulin B chain' 
# 
_entity_poly.entity_id                      1 
_entity_poly.type                           'polypeptide(L)' 
_entity_poly.nstd_linkage                   no 
_entity_poly.nstd_monomer                   no 
_entity_poly.pdbx_seq_one_letter_code       LVEALYL 
_entity_poly.pdbx_seq_one_letter_code_can   LVEALYL 
_entity_poly.pdbx_strand_id                 A 
_entity_poly.pdbx_target_identifier         ? 
# 
_pdbx_entity_nonpoly.entity_id   2 
_pdbx_entity_nonpoly.name        water 
_pdbx_entity_nonpoly.comp_id     HOH 
# 
loop_
_entity_poly_seq.entity_id 
_entity_poly_seq.num 
_entity_poly_seq.mon_id 
_entity_poly_seq.hetero 
1 1 LEU n 
1 2 VAL n 
1 3 GLU n 
1 4 ALA n 
1 5 LEU n 
1 6 TYR n 
1 7 LEU n 
# 
loop_
_chem_comp.id 
_chem_comp.type 
_chem_comp.mon_nstd_flag 
_chem_comp.name 
_chem_comp.pdbx_synonyms 
_chem_comp.formula 
_chem_comp.formula_weight 
ALA 'L-peptide linking' y ALANINE         ? 'C3 H7 N O2'  89.093  
GLU 'L-peptide linking' y 'GLUTAMIC ACID' ? 'C5 H9 N O4'  147.129 
HOH non-polymer         . WATER           ? 'H2 O'        18.015  
LEU 'L-peptide linking' y LEUCINE         ? 'C6 H13 N O2' 131.173 
TYR 'L-peptide linking' y TYROSINE        ? 'C9 H11 N O3' 181.189 
VAL 'L-peptide linking' y VALINE          ? 'C5 H11 N O2' 117.146 
# 
loop_
_pdbx_poly_seq_scheme.asym_id 
_pdbx_poly_seq_scheme.entity_id 
_pdbx_poly_seq_scheme.seq_id 
_pdbx_poly_seq_scheme.mon_id 
_pdbx_poly_seq_scheme.ndb_seq_num 
_pdbx_poly_seq_scheme.pdb_seq_num 
_pdbx_poly_seq_scheme.auth_seq_num 
_pdbx_poly_seq_scheme.pdb_mon_id 
_pdbx_poly_seq_scheme.auth_mon_id 
_pdbx_poly_seq_scheme.pdb_strand_id 
_pdbx_poly_seq_scheme.pdb_ins_code 
_pdbx_poly_seq_scheme.hetero 
A 1 1 LEU 1 1 1 LEU LEU A . n 
A 1 2 VAL 2 2 2 VAL VAL A . n 
A 1 3 GLU 3 3 3 GLU GLU A . n 
A 1 4 ALA 4 4 4 ALA ALA A . n 
A 1 5 LEU 5 5 5 LEU LEU A . n 
A 1 6 TYR 6 6 6 TYR TYR A . n 
A 1 7 LEU 7 7 7 LEU LEU A . n 
# 
loop_
_pdbx_nonpoly_scheme.asym_id 
_pdbx_nonpoly_scheme.entity_id 
_pdbx_nonpoly_scheme.mon_id 
_pdbx_nonpoly_scheme.ndb_seq_num 
_pdbx_nonpoly_scheme.pdb_seq_num 
_pdbx_nonpoly_scheme.auth_seq_num 
_pdbx_nonpoly_scheme.pdb_mon_id 
_pdbx_nonpoly_scheme.auth_mon_id 
_pdbx_nonpoly_scheme.pdb_strand_id 
_pdbx_nonpoly_scheme.pdb_ins_code 
B 2 HOH 1 8  1 HOH HOH A . 
B 2 HOH 2 9  2 HOH HOH A . 
B 2 HOH 3 10 3 HOH HOH A . 
# 
loop_
_software.pdbx_ordinal 
_software.name 
_software.version 
_software.date 
_software.type 
_software.contact_author 
_software.contact_author_email 
_software.classification 
_software.location 
_software.language 
_software.citation_id 
1 DENZO       .     ?                          package 'Zbyszek Otwinowski' hkl@hkl-xray.com            'data reduction'  
http://www.hkl-xray.com/                     ?          ? 
2 SCALEPACK   .     ?                          package 'Zbyszek Otwinowski' hkl@hkl-xray.com            'data scaling'    
http://www.hkl-xray.com/                     ?          ? 
3 PHASER      1.3.2 'Wed Feb 15 11:59:26 2006' program 'Randy J. Read'      cimr-phaser@lists.cam.ac.uk phasing           
http://www-structmed.cimr.cam.ac.uk/phaser/  ?          ? 
4 REFMAC      .     ?                          program 'Garib N. Murshudov' garib@ysbl.york.ac.uk       refinement        
http://www.ccp4.ac.uk/dist/html/refmac5.html Fortran_77 ? 
5 PDB_EXTRACT 3.005 'June 11, 2008'            package PDB                  help@deposit.rcsb.org       'data extraction' 
http://sw-tools.pdb.org/apps/PDB_EXTRACT/    C++        ? 
# 
_cell.length_a           49.478 
_cell.length_b           4.838 
_cell.length_c           19.442 
_cell.angle_alpha        90.000 
_cell.angle_beta         96.650 
_cell.angle_gamma        90.000 
_cell.entry_id           3HYD 
_cell.pdbx_unique_axis   ? 
_cell.Z_PDB              4 
_cell.length_a_esd       ? 
_cell.length_b_esd       ? 
_cell.length_c_esd       ? 
_cell.angle_alpha_esd    ? 
_cell.angle_beta_esd     ? 
_cell.angle_gamma_esd    ? 
# 
_symmetry.space_group_name_H-M             'C 1 2 1' 
_symmetry.entry_id                         3HYD 
_symmetry.Int_Tables_number                5 
_symmetry.pdbx_full_space_group_name_H-M   ? 
_symmetry.cell_setting                     ? 
_symmetry.space_group_name_Hall            ? 
# 
_exptl.crystals_number   2 
_exptl.entry_id          3HYD 
_exptl.method            'X-RAY DIFFRACTION' 
# 
_exptl_crystal.id                    1 
_exptl_crystal.density_Matthews      ? 
_exptl_crystal.density_meas          ? 
_exptl_crystal.density_percent_sol   ? 
_exptl_crystal.description           ? 
_exptl_crystal.F_000                 ? 
_exptl_crystal.preparation           ? 
# 
_exptl_crystal_grow.crystal_id      1 
_exptl_crystal_grow.method          'VAPOR DIFFUSION, HANGING DROP' 
_exptl_crystal_grow.pH              5.5 
_exptl_crystal_grow.temp            298 
_exptl_crystal_grow.pdbx_details    '20% MPD, 0.1M sodium citrate pH 5.5, vapor diffusion, hanging drop, temperature 298K' 
_exptl_crystal_grow.temp_details    ? 
_exptl_crystal_grow.pdbx_pH_range   ? 
# 
loop_
_diffrn.id 
_diffrn.ambient_temp 
_diffrn.ambient_temp_details 
_diffrn.crystal_id 
1 100 ? 1 
2 100 ? 1 
# 
loop_
_diffrn_detector.diffrn_id 
_diffrn_detector.detector 
_diffrn_detector.type 
_diffrn_detector.pdbx_collection_date 
_diffrn_detector.details 
1 CCD 'MARMOSAIC 225 mm CCD' 2006-11-19 ? 
2 CCD 'MARMOSAIC 225 mm CCD' 2006-11-19 ? 
# 
loop_
_diffrn_radiation.diffrn_id 
_diffrn_radiation.pdbx_diffrn_protocol 
_diffrn_radiation.monochromator 
_diffrn_radiation.wavelength_id 
_diffrn_radiation.pdbx_monochromatic_or_laue_m_l 
_diffrn_radiation.pdbx_scattering_type 
1 'SINGLE WAVELENGTH' ? 1 M x-ray 
2 'SINGLE WAVELENGTH' ? 1 M x-ray 
# 
_diffrn_radiation_wavelength.id           1 
_diffrn_radiation_wavelength.wavelength   0.97645 
_diffrn_radiation_wavelength.wt           1.0 
# 
loop_
_diffrn_source.diffrn_id 
_diffrn_source.source 
_diffrn_source.type 
_diffrn_source.pdbx_wavelength 
_diffrn_source.pdbx_wavelength_list 
_diffrn_source.pdbx_synchrotron_site 
_diffrn_source.pdbx_synchrotron_beamline 
1 SYNCHROTRON 'SLS BEAMLINE X10SA' ? 0.97645 SLS X10SA 
2 SYNCHROTRON 'SLS BEAMLINE X10SA' ? 0.97645 SLS X10SA 
# 
_reflns.entry_id                     3HYD 
_reflns.d_resolution_high            1.000 
_reflns.d_resolution_low             90.000 
_reflns.number_obs                   2647 
_reflns.pdbx_Rmerge_I_obs            0.184 
_reflns.pdbx_netI_over_sigmaI        7.152 
_reflns.pdbx_chi_squared             1.034 
_reflns.pdbx_redundancy              5.000 
_reflns.percent_possible_obs         95.100 
_reflns.observed_criterion_sigma_F   ? 
_reflns.observed_criterion_sigma_I   -3 
_reflns.number_all                   2647 
_reflns.pdbx_Rsym_value              ? 
_reflns.B_iso_Wilson_estimate        6.6 
_reflns.R_free_details               ? 
_reflns.limit_h_max                  ? 
_reflns.limit_h_min                  ? 
_reflns.limit_k_max                  ? 
_reflns.limit_k_min                  ? 
_reflns.limit_l_max                  ? 
_reflns.limit_l_min                  ? 
_reflns.observed_criterion_F_max     ? 
_reflns.observed_criterion_F_min     ? 
_reflns.pdbx_scaling_rejects         ? 
_reflns.pdbx_diffrn_id               1,2 
_reflns.pdbx_ordinal                 1 
# 
_reflns_shell.d_res_high             1.00 
_reflns_shell.d_res_low              1.08 
_reflns_shell.number_measured_obs    ? 
_reflns_shell.number_measured_all    ? 
_reflns_shell.number_unique_obs      ? 
_reflns_shell.Rmerge_I_obs           0.361 
_reflns_shell.meanI_over_sigI_obs    3.26 
_reflns_shell.pdbx_Rsym_value        ? 
_reflns_shell.pdbx_chi_squared       1.042 
_reflns_shell.pdbx_redundancy        3.70 
_reflns_shell.percent_possible_obs   ? 
_reflns_shell.number_unique_all      433 
_reflns_shell.percent_possible_all   84.70 
_reflns_shell.pdbx_diffrn_id         ? 
_reflns_shell.pdbx_ordinal           1 
# 
_refine.entry_id                                 3HYD 
_refine.ls_d_res_high                            1.000 
_refine.ls_d_res_low                             16.140 
_refine.pdbx_ls_sigma_F                          0.00 
_refine.pdbx_data_cutoff_high_absF               ? 
_refine.pdbx_data_cutoff_low_absF                ? 
_refine.ls_percent_reflns_obs                    95.110 
_refine.ls_number_reflns_obs                     2644 
_refine.ls_number_reflns_all                     ? 
_refine.pdbx_ls_cross_valid_method               THROUGHOUT 
_refine.pdbx_R_Free_selection_details            RANDOM 
_refine.details                                  
'HYDROGENS HAVE BEEN ADDED IN THE RIDING POSITIONS U VALUES      : REFINED INDIVIDUALLY' 
_refine.ls_R_factor_all                          0.149 
_refine.ls_R_factor_obs                          0.149 
_refine.ls_R_factor_R_work                       0.146 
_refine.ls_wR_factor_R_work                      0.158 
_refine.ls_R_factor_R_free                       0.180 
_refine.ls_wR_factor_R_free                      0.196 
_refine.ls_percent_reflns_R_free                 9.400 
_refine.ls_number_reflns_R_free                  248 
_refine.ls_R_factor_R_free_error                 ? 
_refine.B_iso_mean                               6.558 
_refine.solvent_model_param_bsol                 ? 
_refine.solvent_model_param_ksol                 ? 
_refine.pdbx_isotropic_thermal_model             ? 
_refine.aniso_B[1][1]                            0.040 
_refine.aniso_B[2][2]                            -0.550 
_refine.aniso_B[3][3]                            0.450 
_refine.aniso_B[1][2]                            0.000 
_refine.aniso_B[1][3]                            -0.280 
_refine.aniso_B[2][3]                            0.000 
_refine.correlation_coeff_Fo_to_Fc               0.966 
_refine.correlation_coeff_Fo_to_Fc_free          0.961 
_refine.overall_SU_R_Cruickshank_DPI             0.030 
_refine.overall_SU_R_free                        0.032 
_refine.pdbx_overall_ESU_R                       0.030 
_refine.pdbx_overall_ESU_R_Free                  0.032 
_refine.overall_SU_ML                            0.019 
_refine.overall_SU_B                             0.849 
_refine.solvent_model_details                    MASK 
_refine.pdbx_solvent_vdw_probe_radii             1.400 
_refine.pdbx_solvent_ion_probe_radii             0.800 
_refine.pdbx_solvent_shrinkage_radii             0.800 
_refine.ls_number_parameters                     ? 
_refine.ls_number_restraints                     ? 
_refine.pdbx_starting_model                      'an idealized beta strand' 
_refine.pdbx_method_to_determine_struct          'MOLECULAR REPLACEMENT' 
_refine.pdbx_stereochemistry_target_values       'MAXIMUM LIKELIHOOD' 
_refine.pdbx_stereochem_target_val_spec_case     ? 
_refine.overall_FOM_work_R_set                   0.878 
_refine.B_iso_max                                29.45 
_refine.B_iso_min                                2.75 
_refine.occupancy_max                            1.00 
_refine.occupancy_min                            0.50 
_refine.pdbx_ls_sigma_I                          ? 
_refine.ls_redundancy_reflns_obs                 ? 
_refine.ls_R_factor_R_free_error_details         ? 
_refine.pdbx_data_cutoff_high_rms_absF           ? 
_refine.overall_FOM_free_R_set                   ? 
_refine.pdbx_overall_phase_error                 ? 
_refine.pdbx_refine_id                           'X-RAY DIFFRACTION' 
_refine.pdbx_diffrn_id                           1 
_refine.pdbx_TLS_residual_ADP_flag               ? 
_refine.pdbx_overall_SU_R_free_Cruickshank_DPI   ? 
_refine.pdbx_overall_SU_R_Blow_DPI               ? 
_refine.pdbx_overall_SU_R_free_Blow_DPI          ? 
# 
_refine_hist.pdbx_refine_id                   'X-RAY DIFFRACTION' 
_refine_hist.cycle_id                         LAST 
_refine_hist.pdbx_number_atoms_protein        133 
_refine_hist.pdbx_number_atoms_nucleic_acid   0 
_refine_hist.pdbx_number_atoms_ligand         0 
_refine_hist.number_atoms_solvent             3 
_refine_hist.number_atoms_total               136 
_refine_hist.d_res_high                       1.000 
_refine_hist.d_res_low                        16.140 
# 
loop_
_refine_ls_restr.type 
_refine_ls_restr.number 
_refine_ls_restr.dev_ideal 
_refine_ls_restr.dev_ideal_target 
_refine_ls_restr.weight 
_refine_ls_restr.pdbx_refine_id 
_refine_ls_restr.pdbx_restraint_function 
r_bond_refined_d       65  0.015  0.023  ? 'X-RAY DIFFRACTION' ? 
r_bond_other_d         69  0.005  0.020  ? 'X-RAY DIFFRACTION' ? 
r_angle_refined_deg    90  1.790  2.122  ? 'X-RAY DIFFRACTION' ? 
r_angle_other_deg      158 0.851  3.000  ? 'X-RAY DIFFRACTION' ? 
r_dihedral_angle_1_deg 8   7.471  5.000  ? 'X-RAY DIFFRACTION' ? 
r_dihedral_angle_2_deg 3   23.570 26.667 ? 'X-RAY DIFFRACTION' ? 
r_dihedral_angle_3_deg 12  10.059 15.000 ? 'X-RAY DIFFRACTION' ? 
r_chiral_restr         12  0.147  0.200  ? 'X-RAY DIFFRACTION' ? 
r_gen_planes_refined   69  0.006  0.020  ? 'X-RAY DIFFRACTION' ? 
r_gen_planes_other     11  0.000  0.020  ? 'X-RAY DIFFRACTION' ? 
r_mcbond_it            38  2.258  2.000  ? 'X-RAY DIFFRACTION' ? 
r_mcbond_other         17  0.821  2.000  ? 'X-RAY DIFFRACTION' ? 
r_mcangle_it           61  3.043  3.000  ? 'X-RAY DIFFRACTION' ? 
r_scbond_it            27  3.713  2.000  ? 'X-RAY DIFFRACTION' ? 
r_scangle_it           28  5.334  3.000  ? 'X-RAY DIFFRACTION' ? 
r_rigid_bond_restr     134 2.469  3.000  ? 'X-RAY DIFFRACTION' ? 
r_sphericity_free      3   15.407 3.000  ? 'X-RAY DIFFRACTION' ? 
r_sphericity_bonded    133 3.708  3.000  ? 'X-RAY DIFFRACTION' ? 
# 
_refine_ls_shell.d_res_high                       1.00 
_refine_ls_shell.d_res_low                        1.118 
_refine_ls_shell.pdbx_total_number_of_bins_used   5 
_refine_ls_shell.percent_reflns_obs               88.450 
_refine_ls_shell.number_reflns_R_work             583 
_refine_ls_shell.R_factor_all                     ? 
_refine_ls_shell.R_factor_R_work                  0.232 
_refine_ls_shell.R_factor_R_free                  0.338 
_refine_ls_shell.percent_reflns_R_free            ? 
_refine_ls_shell.number_reflns_R_free             68 
_refine_ls_shell.R_factor_R_free_error            ? 
_refine_ls_shell.number_reflns_all                651 
_refine_ls_shell.number_reflns_obs                ? 
_refine_ls_shell.redundancy_reflns_obs            ? 
_refine_ls_shell.pdbx_refine_id                   'X-RAY DIFFRACTION' 
# 
_struct.entry_id                  3HYD 
_struct.title                     'LVEALYL peptide derived from human insulin chain B, residues 11-17' 
_struct.pdbx_model_details        ? 
_struct.pdbx_CASP_flag            ? 
_struct.pdbx_model_type_details   ? 
# 
_struct_keywords.entry_id        3HYD 
_struct_keywords.text            
;amyloid-like protofibril, Carbohydrate metabolism, Cleavage on pair of basic residues, Diabetes mellitus, Disease mutation, Disulfide bond, Glucose metabolism, Hormone, Pharmaceutical, Secreted, PROTEIN FIBRIL
;
_struct_keywords.pdbx_keywords   'PROTEIN FIBRIL' 
# 
loop_
_struct_asym.id 
_struct_asym.pdbx_blank_PDB_chainid_flag 
_struct_asym.pdbx_modified 
_struct_asym.entity_id 
_struct_asym.details 
A N N 1 ? 
B N N 2 ? 
# 
_struct_ref.id                         1 
_struct_ref.db_name                    UNP 
_struct_ref.db_code                    INS_HUMAN 
_struct_ref.pdbx_db_accession          P01308 
_struct_ref.entity_id                  1 
_struct_ref.pdbx_seq_one_letter_code   LVEALYL 
_struct_ref.pdbx_align_begin           35 
_struct_ref.pdbx_db_isoform            ? 
# 
_struct_ref_seq.align_id                      1 
_struct_ref_seq.ref_id                        1 
_struct_ref_seq.pdbx_PDB_id_code              3HYD 
_struct_ref_seq.pdbx_strand_id                A 
_struct_ref_seq.seq_align_beg                 1 
_struct_ref_seq.pdbx_seq_align_beg_ins_code   ? 
_struct_ref_seq.seq_align_end                 7 
_struct_ref_seq.pdbx_seq_align_end_ins_code   ? 
_struct_ref_seq.pdbx_db_accession             P01308 
_struct_ref_seq.db_align_beg                  35 
_struct_ref_seq.pdbx_db_align_beg_ins_code    ? 
_struct_ref_seq.db_align_end                  41 
_struct_ref_seq.pdbx_db_align_end_ins_code    ? 
_struct_ref_seq.pdbx_auth_seq_align_beg       1 
_struct_ref_seq.pdbx_auth_seq_align_end       7 
# 
_pdbx_struct_assembly.id                   1 
_pdbx_struct_assembly.details              author_defined_assembly 
_pdbx_struct_assembly.method_details       ? 
_pdbx_struct_assembly.oligomeric_details   tetrameric 
_pdbx_struct_assembly.oligomeric_count     4 
# 
_pdbx_struct_assembly_gen.assembly_id       1 
_pdbx_struct_assembly_gen.oper_expression   1,2,3,4 
_pdbx_struct_assembly_gen.asym_id_list      A,B 
# 
loop_
_pdbx_struct_oper_list.id 
_pdbx_struct_oper_list.type 
_pdbx_struct_oper_list.name 
_pdbx_struct_oper_list.symmetry_operation 
_pdbx_struct_oper_list.matrix[1][1] 
_pdbx_struct_oper_list.matrix[1][2] 
_pdbx_struct_oper_list.matrix[1][3] 
_pdbx_struct_oper_list.vector[1] 
_pdbx_struct_oper_list.matrix[2][1] 
_pdbx_struct_oper_list.matrix[2][2] 
_pdbx_struct_oper_list.matrix[2][3] 
_pdbx_struct_oper_list.vector[2] 
_pdbx_struct_oper_list.matrix[3][1] 
_pdbx_struct_oper_list.matrix[3][2] 
_pdbx_struct_oper_list.matrix[3][3] 
_pdbx_struct_oper_list.vector[3] 
1 'identity operation'         1_555 x,y,z             1.0000000000  0.0000000000  0.0000000000  0.0000000000  0.0000000000  1.0000000000  0.0000000000 0.0000000000  0.0000000000  0.0000000000 1.0000000000  0.0000000000   
2 'crystal symmetry operation' 1_565 x,y+1,z           1.0000000000  0.0000000000  0.0000000000  2.4109474352  0.0000000000  1.0000000000  0.0000000000 -3.3048773635 0.0000000000  0.0000000000 1.0000000000  -2.5828979997  
3 'crystal symmetry operation' 4_556 -x+1/2,y+1/2,-z+1 -0.5033233409 -0.6808341914 -0.5321000078 -2.0273316185 -0.6808341914 -0.0667264352 0.7293917923 2.1732092498  -0.5321000078 0.7293917923 -0.4299502238 -9.2040421358  
4 'crystal symmetry operation' 4_566 -x+1/2,y+3/2,-z+1 -0.5033233409 -0.6808341914 -0.5321000078 0.3836158168  -0.6808341914 -0.0667264352 0.7293917923 -1.1316681137 -0.5321000078 0.7293917923 -0.4299502238 -11.7869401355 
# 
_struct_biol.id        1 
_struct_biol.details   
;THE BIOLOGICAL UNIT IS A
INDEFINITELY LONG PAIR OF SHEETS (A PROTOFIBRIL). ONE SHEET
FORMED BY CHAIN A AND CRYSTALLOGRAPHIC TRANSLATIONS
ALONG THE B CELL DIMENSION (E.G. X,Y,Z AND X,Y+1,Z). THE
SECOND SHEET IS CONSTRUCTED FROM  1/2-X,1/2+Y,1-Z AND
CRYSTALLOGRAPHIC TRANSLATIONS ALONG THE B CELL DIMENSION 
(E.G. 1/2-X,3/2+Y,1-Z).
;
# 
_pdbx_phasing_MR.entry_id                     3HYD 
_pdbx_phasing_MR.method_rotation              ? 
_pdbx_phasing_MR.method_translation           ? 
_pdbx_phasing_MR.model_details                'Phaser MODE: MR_AUTO' 
_pdbx_phasing_MR.R_factor                     ? 
_pdbx_phasing_MR.R_rigid_body                 ? 
_pdbx_phasing_MR.correlation_coeff_Fo_to_Fc   ? 
_pdbx_phasing_MR.correlation_coeff_Io_to_Ic   ? 
_pdbx_phasing_MR.d_res_high_rotation          1.600 
_pdbx_phasing_MR.d_res_low_rotation           19.330 
_pdbx_phasing_MR.d_res_high_translation       1.600 
_pdbx_phasing_MR.d_res_low_translation        19.330 
_pdbx_phasing_MR.packing                      ? 
_pdbx_phasing_MR.reflns_percent_rotation      ? 
_pdbx_phasing_MR.reflns_percent_translation   ? 
_pdbx_phasing_MR.sigma_F_rotation             ? 
_pdbx_phasing_MR.sigma_F_translation          ? 
_pdbx_phasing_MR.sigma_I_rotation             ? 
_pdbx_phasing_MR.sigma_I_translation          ? 
# 
_phasing.method   MR 
# 
loop_
_chem_comp_atom.comp_id 
_chem_comp_atom.atom_id 
_chem_comp_atom.type_symbol 
_chem_comp_atom.pdbx_aromatic_flag 
_chem_comp_atom.pdbx_stereo_config 
_chem_comp_atom.pdbx_ordinal 
ALA N    N N N 1   
ALA CA   C N S 2   
ALA C    C N N 3   
ALA O    O N N 4   
ALA CB   C N N 5   
ALA OXT  O N N 6   
ALA H    H N N 7   
ALA H2   H N N 8   
ALA HA   H N N 9   
ALA HB1  H N N 10  
ALA HB2  H N N 11  
ALA HB3  H N N 12  
ALA HXT  H N N 13  
GLU N    N N N 14  
GLU CA   C N S 15  
GLU C    C N N 16  
GLU O    O N N 17  
GLU CB   C N N 18  
GLU CG   C N N 19  
GLU CD   C N N 20  
GLU OE1  O N N 21  
GLU OE2  O N N 22  
GLU OXT  O N N 23  
GLU H    H N N 24  
GLU H2   H N N 25  
GLU HA   H N N 26  
GLU HB2  H N N 27  
GLU HB3  H N N 28  
GLU HG2  H N N 29  
GLU HG3  H N N 30  
GLU HE2  H N N 31  
GLU HXT  H N N 32  
HOH O    O N N 33  
HOH H1   H N N 34  
HOH H2   H N N 35  
LEU N    N N N 36  
LEU CA   C N S 37  
LEU C    C N N 38  
LEU O    O N N 39  
LEU CB   C N N 40  
LEU CG   C N N 41  
LEU CD1  C N N 42  
LEU CD2  C N N 43  
LEU OXT  O N N 44  
LEU H    H N N 45  
LEU H2   H N N 46  
LEU HA   H N N 47  
LEU HB2  H N N 48  
LEU HB3  H N N 49  
LEU HG   H N N 50  
LEU HD11 H N N 51  
LEU HD12 H N N 52  
LEU HD13 H N N 53  
LEU HD21 H N N 54  
LEU HD22 H N N 55  
LEU HD23 H N N 56  
LEU HXT  H N N 57  
TYR N    N N N 58  
TYR CA   C N S 59  
TYR C    C N N 60  
TYR O    O N N 61  
TYR CB   C N N 62  
TYR CG   C Y N 63  
TYR CD1  C Y N 64  
TYR CD2  C Y N 65  
TYR CE1  C Y N 66  
TYR CE2  C Y N 67  
TYR CZ   C Y N 68  
TYR OH   O N N 69  
TYR OXT  O N N 70  
TYR H    H N N 71  
TYR H2   H N N 72  
TYR HA   H N N 73  
TYR HB2  H N N 74  
TYR HB3  H N N 75  
TYR HD1  H N N 76  
TYR HD2  H N N 77  
TYR HE1  H N N 78  
TYR HE2  H N N 79  
TYR HH   H N N 80  
TYR HXT  H N N 81  
VAL N    N N N 82  
VAL CA   C N S 83  
VAL C    C N N 84  
VAL O    O N N 85  
VAL CB   C N N 86  
VAL CG1  C N N 87  
VAL CG2  C N N 88  
VAL OXT  O N N 89  
VAL H    H N N 90  
VAL H2   H N N 91  
VAL HA   H N N 92  
VAL HB   H N N 93  
VAL HG11 H N N 94  
VAL HG12 H N N 95  
VAL HG13 H N N 96  
VAL HG21 H N N 97  
VAL HG22 H N N 98  
VAL HG23 H N N 99  
VAL HXT  H N N 100 
# 
loop_
_chem_comp_bond.comp_id 
_chem_comp_bond.atom_id_1 
_chem_comp_bond.atom_id_2 
_chem_comp_bond.value_order 
_chem_comp_bond.pdbx_aromatic_flag 
_chem_comp_bond.pdbx_stereo_config 
_chem_comp_bond.pdbx_ordinal 
ALA N   CA   sing N N 1  
ALA N   H    sing N N 2  
ALA N   H2   sing N N 3  
ALA CA  C    sing N N 4  
ALA CA  CB   sing N N 5  
ALA CA  HA   sing N N 6  
ALA C   O    doub N N 7  
ALA C   OXT  sing N N 8  
ALA CB  HB1  sing N N 9  
ALA CB  HB2  sing N N 10 
ALA CB  HB3  sing N N 11 
ALA OXT HXT  sing N N 12 
GLU N   CA   sing N N 13 
GLU N   H    sing N N 14 
GLU N   H2   sing N N 15 
GLU CA  C    sing N N 16 
GLU CA  CB   sing N N 17 
GLU CA  HA   sing N N 18 
GLU C   O    doub N N 19 
GLU C   OXT  sing N N 20 
GLU CB  CG   sing N N 21 
GLU CB  HB2  sing N N 22 
GLU CB  HB3  sing N N 23 
GLU CG  CD   sing N N 24 
GLU CG  HG2  sing N N 25 
GLU CG  HG3  sing N N 26 
GLU CD  OE1  doub N N 27 
GLU CD  OE2  sing N N 28 
GLU OE2 HE2  sing N N 29 
GLU OXT HXT  sing N N 30 
HOH O   H1   sing N N 31 
HOH O   H2   sing N N 32 
LEU N   CA   sing N N 33 
LEU N   H    sing N N 34 
LEU N   H2   sing N N 35 
LEU CA  C    sing N N 36 
LEU CA  CB   sing N N 37 
LEU CA  HA   sing N N 38 
LEU C   O    doub N N 39 
LEU C   OXT  sing N N 40 
LEU CB  CG   sing N N 41 
LEU CB  HB2  sing N N 42 
LEU CB  HB3  sing N N 43 
LEU CG  CD1  sing N N 44 
LEU CG  CD2  sing N N 45 
LEU CG  HG   sing N N 46 
LEU CD1 HD11 sing N N 47 
LEU CD1 HD12 sing N N 48 
LEU CD1 HD13 sing N N 49 
LEU CD2 HD21 sing N N 50 
LEU CD2 HD22 sing N N 51 
LEU CD2 HD23 sing N N 52 
LEU OXT HXT  sing N N 53 
TYR N   CA   sing N N 54 
TYR N   H    sing N N 55 
TYR N   H2   sing N N 56 
TYR CA  C    sing N N 57 
TYR CA  CB   sing N N 58 
TYR CA  HA   sing N N 59 
TYR C   O    doub N N 60 
TYR C   OXT  sing N N 61 
TYR CB  CG   sing N N 62 
TYR CB  HB2  sing N N 63 
TYR CB  HB3  sing N N 64 
TYR CG  CD1  doub Y N 65 
TYR CG  CD2  sing Y N 66 
TYR CD1 CE1  sing Y N 67 
TYR CD1 HD1  sing N N 68 
TYR CD2 CE2  doub Y N 69 
TYR CD2 HD2  sing N N 70 
TYR CE1 CZ   doub Y N 71 
TYR CE1 HE1  sing N N 72 
TYR CE2 CZ   sing Y N 73 
TYR CE2 HE2  sing N N 74 
TYR CZ  OH   sing N N 75 
TYR OH  HH   sing N N 76 
TYR OXT HXT  sing N N 77 
VAL N   CA   sing N N 78 
VAL N   H    sing N N 79 
VAL N   H2   sing N N 80 
VAL CA  C    sing N N 81 
VAL CA  CB   sing N N 82 
VAL CA  HA   sing N N 83 
VAL C   O    doub N N 84 
VAL C   OXT  sing N N 85 
VAL CB  CG1  sing N N 86 
VAL CB  CG2  sing N N 87 
VAL CB  HB   sing N N 88 
VAL CG1 HG11 sing N N 89 
VAL CG1 HG12 sing N N 90 
VAL CG1 HG13 sing N N 91 
VAL CG2 HG21 sing N N 92 
VAL CG2 HG22 sing N N 93 
VAL CG2 HG23 sing N N 94 
VAL OXT HXT  sing N N 95 
# 
_pdbx_initial_refinement_model.accession_code   ? 
_pdbx_initial_refinement_model.id               1 
_pdbx_initial_refinement_model.entity_id_list   ? 
_pdbx_initial_refinement_model.type             'in silico model' 
_pdbx_initial_refinement_model.source_name      Other 
_pdbx_initial_refinement_model.details          'an idealized beta strand' 
# 
_atom_sites.entry_id                    3HYD 
_atom_sites.fract_transf_matrix[1][1]   0.01607799 
_atom_sites.fract_transf_matrix[1][2]   0.01243842 
_atom_sites.fract_transf_matrix[1][3]   -0.00090761 
_atom_sites.fract_transf_matrix[2][1]   0.10300447 
_atom_sites.fract_transf_matrix[2][2]   -0.14119641 
_atom_sites.fract_transf_matrix[2][3]   -0.11035082 
_atom_sites.fract_transf_matrix[3][1]   -0.01361360 
_atom_sites.fract_transf_matrix[3][2]   0.02422116 
_atom_sites.fract_transf_matrix[3][3]   -0.04369883 
_atom_sites.fract_transf_vector[1]      0.248611 
_atom_sites.fract_transf_vector[2]      0.463001 
_atom_sites.fract_transf_vector[3]      0.258784 
# 
loop_
_atom_type.symbol 
C 
H 
N 
O 
# 
loop_
_atom_site.group_PDB 
_atom_site.id 
_atom_site.type_symbol 
_atom_site.label_atom_id 
_atom_site.label_alt_id 
_atom_site.label_comp_id 
_atom_site.label_asym_id 
_atom_site.label_entity_id 
_atom_site.label_seq_id 
_atom_site.pdbx_PDB_ins_code 
_atom_site.Cartn_x 
_atom_site.Cartn_y 
_atom_site.Cartn_z 
_atom_site.occupancy 
_atom_site.B_iso_or_equiv 
_atom_site.pdbx_formal_charge 
_atom_site.auth_seq_id 
_atom_site.auth_comp_id 
_atom_site.auth_asym_id 
_atom_site.auth_atom_id 
_atom_site.pdbx_PDB_model_num 
ATOM   1   N N    . LEU A 1 1 ? -8.511 -6.386 0.827  1.00 5.65  ? 1  LEU A N    1 
ATOM   2   C CA   . LEU A 1 1 ? -7.781 -5.601 -0.186 1.00 5.04  ? 1  LEU A CA   1 
ATOM   3   C C    . LEU A 1 1 ? -6.934 -4.555 0.483  1.00 3.88  ? 1  LEU A C    1 
ATOM   4   O O    . LEU A 1 1 ? -7.463 -3.730 1.244  1.00 4.79  ? 1  LEU A O    1 
ATOM   5   C CB   . LEU A 1 1 ? -8.755 -4.971 -1.154 1.00 6.19  ? 1  LEU A CB   1 
ATOM   6   C CG   . LEU A 1 1 ? -8.184 -4.251 -2.395 1.00 10.41 ? 1  LEU A CG   1 
ATOM   7   C CD1  . LEU A 1 1 ? -9.268 -4.055 -3.438 1.00 18.81 ? 1  LEU A CD1  1 
ATOM   8   C CD2  . LEU A 1 1 ? -7.577 -2.937 -2.085 1.00 10.45 ? 1  LEU A CD2  1 
ATOM   9   H H1   . LEU A 1 1 ? -8.987 -5.781 1.419  1.00 5.40  ? 1  LEU A H1   1 
ATOM   10  H H2   . LEU A 1 1 ? -9.144 -6.972 0.388  1.00 5.15  ? 1  LEU A H2   1 
ATOM   11  H H3   . LEU A 1 1 ? -7.877 -6.914 1.339  1.00 5.24  ? 1  LEU A H3   1 
ATOM   12  H HA   . LEU A 1 1 ? -7.205 -6.204 -0.694 1.00 4.84  ? 1  LEU A HA   1 
ATOM   13  H HB2  . LEU A 1 1 ? -9.339 -5.672 -1.480 1.00 6.49  ? 1  LEU A HB2  1 
ATOM   14  H HB3  . LEU A 1 1 ? -9.287 -4.323 -0.665 1.00 6.58  ? 1  LEU A HB3  1 
ATOM   15  H HG   . LEU A 1 1 ? -7.495 -4.808 -2.788 1.00 10.84 ? 1  LEU A HG   1 
ATOM   16  H HD11 . LEU A 1 1 ? -8.877 -3.679 -4.231 1.00 14.99 ? 1  LEU A HD11 1 
ATOM   17  H HD12 . LEU A 1 1 ? -9.936 -3.459 -3.084 1.00 15.61 ? 1  LEU A HD12 1 
ATOM   18  H HD13 . LEU A 1 1 ? -9.663 -4.908 -3.643 1.00 15.30 ? 1  LEU A HD13 1 
ATOM   19  H HD21 . LEU A 1 1 ? -8.101 -2.504 -1.380 1.00 10.08 ? 1  LEU A HD21 1 
ATOM   20  H HD22 . LEU A 1 1 ? -7.581 -2.382 -2.893 1.00 10.06 ? 1  LEU A HD22 1 
ATOM   21  H HD23 . LEU A 1 1 ? -6.657 -3.079 -1.788 1.00 9.93  ? 1  LEU A HD23 1 
ATOM   22  N N    . VAL A 1 2 ? -5.647 -4.528 0.159  1.00 3.54  ? 2  VAL A N    1 
ATOM   23  C CA   . VAL A 1 2 ? -4.742 -3.510 0.645  1.00 3.13  ? 2  VAL A CA   1 
ATOM   24  C C    . VAL A 1 2 ? -3.913 -2.973 -0.508 1.00 3.68  ? 2  VAL A C    1 
ATOM   25  O O    . VAL A 1 2 ? -3.310 -3.761 -1.269 1.00 4.26  ? 2  VAL A O    1 
ATOM   26  C CB   . VAL A 1 2 ? -3.792 -4.018 1.736  1.00 3.78  ? 2  VAL A CB   1 
ATOM   27  C CG1  . VAL A 1 2 ? -2.849 -2.936 2.171  1.00 5.01  ? 2  VAL A CG1  1 
ATOM   28  C CG2  . VAL A 1 2 ? -4.563 -4.603 2.915  1.00 5.05  ? 2  VAL A CG2  1 
ATOM   29  H H    . VAL A 1 2 ? -5.269 -5.107 -0.351 1.00 3.28  ? 2  VAL A H    1 
ATOM   30  H HA   . VAL A 1 2 ? -5.257 -2.772 1.024  1.00 3.38  ? 2  VAL A HA   1 
ATOM   31  H HB   . VAL A 1 2 ? -3.250 -4.740 1.357  1.00 3.90  ? 2  VAL A HB   1 
ATOM   32  H HG11 . VAL A 1 2 ? -2.549 -3.120 3.065  1.00 4.53  ? 2  VAL A HG11 1 
ATOM   33  H HG12 . VAL A 1 2 ? -3.302 -2.089 2.151  1.00 4.63  ? 2  VAL A HG12 1 
ATOM   34  H HG13 . VAL A 1 2 ? -2.093 -2.919 1.578  1.00 4.60  ? 2  VAL A HG13 1 
ATOM   35  H HG21 . VAL A 1 2 ? -5.150 -3.931 3.268  1.00 4.78  ? 2  VAL A HG21 1 
ATOM   36  H HG22 . VAL A 1 2 ? -3.942 -4.881 3.591  1.00 4.65  ? 2  VAL A HG22 1 
ATOM   37  H HG23 . VAL A 1 2 ? -5.073 -5.357 2.614  1.00 4.78  ? 2  VAL A HG23 1 
ATOM   38  N N    . GLU A 1 3 ? -3.864 -1.650 -0.628 1.00 2.92  ? 3  GLU A N    1 
ATOM   39  C CA   A GLU A 1 3 ? -2.929 -0.969 -1.509 0.50 3.42  ? 3  GLU A CA   1 
ATOM   40  C CA   B GLU A 1 3 ? -2.926 -0.981 -1.502 0.50 3.37  ? 3  GLU A CA   1 
ATOM   41  C C    . GLU A 1 3 ? -2.041 -0.144 -0.589 1.00 2.87  ? 3  GLU A C    1 
ATOM   42  O O    . GLU A 1 3 ? -2.537 0.736  0.127  1.00 3.28  ? 3  GLU A O    1 
ATOM   43  C CB   A GLU A 1 3 ? -3.640 -0.063 -2.517 0.50 3.31  ? 3  GLU A CB   1 
ATOM   44  C CB   B GLU A 1 3 ? -3.642 -0.108 -2.527 0.50 3.20  ? 3  GLU A CB   1 
ATOM   45  C CG   A GLU A 1 3 ? -2.710 0.597  -3.532 0.50 3.86  ? 3  GLU A CG   1 
ATOM   46  C CG   B GLU A 1 3 ? -2.719 0.669  -3.438 0.50 4.43  ? 3  GLU A CG   1 
ATOM   47  C CD   A GLU A 1 3 ? -3.400 1.620  -4.419 0.50 4.30  ? 3  GLU A CD   1 
ATOM   48  C CD   B GLU A 1 3 ? -3.437 1.318  -4.593 0.50 7.27  ? 3  GLU A CD   1 
ATOM   49  O OE1  A GLU A 1 3 ? -4.250 2.372  -3.947 0.50 4.93  ? 3  GLU A OE1  1 
ATOM   50  O OE1  B GLU A 1 3 ? -4.621 1.015  -4.837 0.50 8.58  ? 3  GLU A OE1  1 
ATOM   51  O OE2  A GLU A 1 3 ? -3.050 1.651  -5.624 0.50 5.24  ? 3  GLU A OE2  1 
ATOM   52  O OE2  B GLU A 1 3 ? -2.792 2.092  -5.305 0.50 5.38  ? 3  GLU A OE2  1 
ATOM   53  H H    . GLU A 1 3 ? -4.379 -1.113 -0.199 1.00 3.13  ? 3  GLU A H    1 
ATOM   54  H HA   A GLU A 1 3 ? -2.381 -1.613 -2.000 0.50 3.34  ? 3  GLU A HA   1 
ATOM   55  H HA   B GLU A 1 3 ? -2.375 -1.630 -1.982 0.50 3.32  ? 3  GLU A HA   1 
ATOM   56  H HB2  A GLU A 1 3 ? -4.283 -0.594 -3.011 0.50 3.51  ? 3  GLU A HB2  1 
ATOM   57  H HB2  B GLU A 1 3 ? -4.197 -0.675 -3.085 0.50 3.63  ? 3  GLU A HB2  1 
ATOM   58  H HB3  A GLU A 1 3 ? -4.101 0.641  -2.035 0.50 3.50  ? 3  GLU A HB3  1 
ATOM   59  H HB3  B GLU A 1 3 ? -4.198 0.531  -2.057 0.50 3.60  ? 3  GLU A HB3  1 
ATOM   60  H HG2  A GLU A 1 3 ? -1.997 1.055  -3.062 0.50 3.92  ? 3  GLU A HG2  1 
ATOM   61  H HG2  B GLU A 1 3 ? -2.287 1.372  -2.929 0.50 4.83  ? 3  GLU A HG2  1 
ATOM   62  H HG3  A GLU A 1 3 ? -2.336 -0.089 -4.106 0.50 4.00  ? 3  GLU A HG3  1 
ATOM   63  H HG3  B GLU A 1 3 ? -2.052 0.064  -3.802 0.50 4.81  ? 3  GLU A HG3  1 
ATOM   64  N N    . ALA A 1 4 ? -0.741 -0.415 -0.583 1.00 2.75  ? 4  ALA A N    1 
ATOM   65  C CA   . ALA A 1 4 ? 0.191  0.199  0.344  1.00 3.09  ? 4  ALA A CA   1 
ATOM   66  C C    . ALA A 1 4 ? 1.440  0.681  -0.368 1.00 2.94  ? 4  ALA A C    1 
ATOM   67  O O    . ALA A 1 4 ? 1.981  -0.006 -1.251 1.00 3.58  ? 4  ALA A O    1 
ATOM   68  C CB   . ALA A 1 4 ? 0.542  -0.735 1.485  1.00 4.15  ? 4  ALA A CB   1 
ATOM   69  H H    . ALA A 1 4 ? -0.364 -0.969 -1.123 1.00 2.76  ? 4  ALA A H    1 
ATOM   70  H HA   . ALA A 1 4 ? -0.236 0.979  0.745  1.00 3.11  ? 4  ALA A HA   1 
ATOM   71  H HB1  . ALA A 1 4 ? -0.261 -0.974 1.951  1.00 3.79  ? 4  ALA A HB1  1 
ATOM   72  H HB2  . ALA A 1 4 ? 1.145  -0.286 2.080  1.00 3.83  ? 4  ALA A HB2  1 
ATOM   73  H HB3  . ALA A 1 4 ? 0.960  -1.523 1.127  1.00 3.98  ? 4  ALA A HB3  1 
ATOM   74  N N    . LEU A 1 5 ? 1.913  1.844  0.029  1.00 2.99  ? 5  LEU A N    1 
ATOM   75  C CA   . LEU A 1 5 ? 3.090  2.482  -0.533 1.00 3.30  ? 5  LEU A CA   1 
ATOM   76  C C    . LEU A 1 5 ? 3.937  3.005  0.615  1.00 3.28  ? 5  LEU A C    1 
ATOM   77  O O    . LEU A 1 5 ? 3.415  3.741  1.464  1.00 3.43  ? 5  LEU A O    1 
ATOM   78  C CB   . LEU A 1 5 ? 2.672  3.614  -1.450 1.00 4.50  ? 5  LEU A CB   1 
ATOM   79  C CG   . LEU A 1 5 ? 3.776  4.499  -2.065 1.00 9.40  ? 5  LEU A CG   1 
ATOM   80  C CD1  . LEU A 1 5 ? 4.937  3.801  -2.606 1.00 9.16  ? 5  LEU A CD1  1 
ATOM   81  C CD2  . LEU A 1 5 ? 3.120  5.350  -3.149 1.00 11.72 ? 5  LEU A CD2  1 
ATOM   82  H H    . LEU A 1 5 ? 1.551  2.310  0.655  1.00 2.86  ? 5  LEU A H    1 
ATOM   83  H HA   . LEU A 1 5 ? 3.615  1.837  -1.050 1.00 3.38  ? 5  LEU A HA   1 
ATOM   84  H HB2  . LEU A 1 5 ? 2.158  3.246  -2.176 1.00 4.85  ? 5  LEU A HB2  1 
ATOM   85  H HB3  . LEU A 1 5 ? 2.106  4.203  -0.932 1.00 4.98  ? 5  LEU A HB3  1 
ATOM   86  H HG   . LEU A 1 5 ? 4.098  5.105  -1.382 1.00 8.68  ? 5  LEU A HG   1 
ATOM   87  H HD11 . LEU A 1 5 ? 5.495  4.432  -3.067 1.00 8.30  ? 5  LEU A HD11 1 
ATOM   88  H HD12 . LEU A 1 5 ? 4.632  3.129  -3.217 1.00 8.71  ? 5  LEU A HD12 1 
ATOM   89  H HD13 . LEU A 1 5 ? 5.425  3.396  -1.888 1.00 8.61  ? 5  LEU A HD13 1 
ATOM   90  H HD21 . LEU A 1 5 ? 2.961  4.803  -3.921 1.00 10.72 ? 5  LEU A HD21 1 
ATOM   91  H HD22 . LEU A 1 5 ? 3.711  6.073  -3.376 1.00 10.33 ? 5  LEU A HD22 1 
ATOM   92  H HD23 . LEU A 1 5 ? 2.288  5.700  -2.818 1.00 10.20 ? 5  LEU A HD23 1 
ATOM   93  N N    . TYR A 1 6 ? 5.210  2.605  0.670  1.00 3.06  ? 6  TYR A N    1 
ATOM   94  C CA   . TYR A 1 6 ? 6.134  2.977  1.726  1.00 3.08  ? 6  TYR A CA   1 
ATOM   95  C C    . TYR A 1 6 ? 7.372  3.582  1.103  1.00 3.48  ? 6  TYR A C    1 
ATOM   96  O O    . TYR A 1 6 ? 8.044  2.931  0.308  1.00 4.60  ? 6  TYR A O    1 
ATOM   97  C CB   . TYR A 1 6 ? 6.565  1.776  2.554  1.00 3.85  ? 6  TYR A CB   1 
ATOM   98  C CG   . TYR A 1 6 ? 5.471  0.843  3.026  1.00 3.42  ? 6  TYR A CG   1 
ATOM   99  C CD1  . TYR A 1 6 ? 4.938  -0.105 2.170  1.00 3.67  ? 6  TYR A CD1  1 
ATOM   100 C CD2  . TYR A 1 6 ? 4.971  0.890  4.333  1.00 3.75  ? 6  TYR A CD2  1 
ATOM   101 C CE1  . TYR A 1 6 ? 3.950  -1.002 2.592  1.00 3.54  ? 6  TYR A CE1  1 
ATOM   102 C CE2  . TYR A 1 6 ? 4.004  0.000  4.759  1.00 3.30  ? 6  TYR A CE2  1 
ATOM   103 C CZ   . TYR A 1 6 ? 3.494  -0.944 3.888  1.00 3.37  ? 6  TYR A CZ   1 
ATOM   104 O OH   . TYR A 1 6 ? 2.522  -1.812 4.339  1.00 3.64  ? 6  TYR A OH   1 
ATOM   105 H H    . TYR A 1 6 ? 5.569  2.093  0.080  1.00 2.94  ? 6  TYR A H    1 
ATOM   106 H HA   . TYR A 1 6 ? 5.725  3.634  2.325  1.00 3.22  ? 6  TYR A HA   1 
ATOM   107 H HB2  . TYR A 1 6 ? 7.180  1.241  2.029  1.00 3.50  ? 6  TYR A HB2  1 
ATOM   108 H HB3  . TYR A 1 6 ? 7.022  2.105  3.343  1.00 3.43  ? 6  TYR A HB3  1 
ATOM   109 H HD1  . TYR A 1 6 ? 5.257  -0.160 1.300  1.00 3.43  ? 6  TYR A HD1  1 
ATOM   110 H HD2  . TYR A 1 6 ? 5.320  1.507  4.935  1.00 3.37  ? 6  TYR A HD2  1 
ATOM   111 H HE1  . TYR A 1 6 ? 3.611  -1.636 2.003  1.00 3.38  ? 6  TYR A HE1  1 
ATOM   112 H HE2  . TYR A 1 6 ? 3.688  0.042  5.632  1.00 3.24  ? 6  TYR A HE2  1 
ATOM   113 H HH   . TYR A 1 6 ? 2.796  -2.585 4.301  1.00 3.44  ? 6  TYR A HH   1 
ATOM   114 N N    . LEU A 1 7 ? 7.703  4.807  1.478  1.00 4.38  ? 7  LEU A N    1 
ATOM   115 C CA   . LEU A 1 7 ? 8.963  5.404  1.015  1.00 6.08  ? 7  LEU A CA   1 
ATOM   116 C C    . LEU A 1 7 ? 9.595  6.313  1.995  1.00 7.46  ? 7  LEU A C    1 
ATOM   117 O O    . LEU A 1 7 ? 9.092  6.458  3.114  1.00 13.45 ? 7  LEU A O    1 
ATOM   118 C CB   . LEU A 1 7 ? 8.835  5.988  -0.376 1.00 11.09 ? 7  LEU A CB   1 
ATOM   119 C CG   . LEU A 1 7 ? 7.930  7.171  -0.533 1.00 11.34 ? 7  LEU A CG   1 
ATOM   120 C CD1  . LEU A 1 7 ? 8.313  7.889  -1.820 1.00 18.81 ? 7  LEU A CD1  1 
ATOM   121 C CD2  . LEU A 1 7 ? 6.459  6.831  -0.610 1.00 11.10 ? 7  LEU A CD2  1 
ATOM   122 O OXT  . LEU A 1 7 ? 10.636 6.907  1.703  1.00 9.60  ? 7  LEU A OXT  1 
ATOM   123 H H    . LEU A 1 7 ? 7.232  5.312  1.990  1.00 4.08  ? 7  LEU A H    1 
ATOM   124 H HA   . LEU A 1 7 ? 9.604  4.672  0.922  1.00 6.70  ? 7  LEU A HA   1 
ATOM   125 H HB2  . LEU A 1 7 ? 9.720  6.252  -0.671 1.00 9.43  ? 7  LEU A HB2  1 
ATOM   126 H HB3  . LEU A 1 7 ? 8.503  5.294  -0.965 1.00 9.61  ? 7  LEU A HB3  1 
ATOM   127 H HG   . LEU A 1 7 ? 8.061  7.785  0.204  1.00 11.80 ? 7  LEU A HG   1 
ATOM   128 H HD11 . LEU A 1 7 ? 9.209  8.223  -1.739 1.00 14.43 ? 7  LEU A HD11 1 
ATOM   129 H HD12 . LEU A 1 7 ? 7.707  8.620  -1.967 1.00 14.59 ? 7  LEU A HD12 1 
ATOM   130 H HD13 . LEU A 1 7 ? 8.260  7.269  -2.552 1.00 14.87 ? 7  LEU A HD13 1 
ATOM   131 H HD21 . LEU A 1 7 ? 5.965  7.613  -0.865 1.00 10.59 ? 7  LEU A HD21 1 
ATOM   132 H HD22 . LEU A 1 7 ? 6.161  6.530  0.251  1.00 10.51 ? 7  LEU A HD22 1 
ATOM   133 H HD23 . LEU A 1 7 ? 6.331  6.137  -1.261 1.00 10.64 ? 7  LEU A HD23 1 
HETATM 134 O O    . HOH B 2 . ? -7.473 -6.734 3.443  1.00 29.45 ? 8  HOH A O    1 
HETATM 135 O O    . HOH B 2 . ? 7.818  4.603  4.851  1.00 28.03 ? 9  HOH A O    1 
HETATM 136 O O    . HOH B 2 . ? -5.892 -7.822 1.763  1.00 27.04 ? 10 HOH A O    1 
# 
loop_
_atom_site_anisotrop.id 
_atom_site_anisotrop.type_symbol 
_atom_site_anisotrop.pdbx_label_atom_id 
_atom_site_anisotrop.pdbx_label_alt_id 
_atom_site_anisotrop.pdbx_label_comp_id 
_atom_site_anisotrop.pdbx_label_asym_id 
_atom_site_anisotrop.pdbx_label_seq_id 
_atom_site_anisotrop.pdbx_PDB_ins_code 
_atom_site_anisotrop.U[1][1] 
_atom_site_anisotrop.U[2][2] 
_atom_site_anisotrop.U[3][3] 
_atom_site_anisotrop.U[1][2] 
_atom_site_anisotrop.U[1][3] 
_atom_site_anisotrop.U[2][3] 
_atom_site_anisotrop.pdbx_auth_seq_id 
_atom_site_anisotrop.pdbx_auth_comp_id 
_atom_site_anisotrop.pdbx_auth_asym_id 
_atom_site_anisotrop.pdbx_auth_atom_id 
1   N N    . LEU A 1 ? 0.0709 0.0665 0.0770 -0.0215 -0.0194 0.0021  1  LEU A N    
2   C CA   . LEU A 1 ? 0.0692 0.0693 0.0530 -0.0059 0.0032  -0.0075 1  LEU A CA   
3   C C    . LEU A 1 ? 0.0434 0.0549 0.0489 -0.0097 0.0073  -0.0027 1  LEU A C    
4   O O    . LEU A 1 ? 0.0528 0.0588 0.0703 -0.0087 0.0071  -0.0164 1  LEU A O    
5   C CB   . LEU A 1 ? 0.0851 0.0778 0.0722 -0.0123 -0.0189 0.0024  1  LEU A CB   
6   C CG   . LEU A 1 ? 0.1456 0.1531 0.0969 -0.0366 -0.0325 0.0264  1  LEU A CG   
7   C CD1  . LEU A 1 ? 0.2659 0.3065 0.1423 -0.0503 -0.0733 0.0520  1  LEU A CD1  
8   C CD2  . LEU A 1 ? 0.1191 0.1393 0.1384 -0.0053 -0.0170 0.0213  1  LEU A CD2  
9   H H1   . LEU A 1 ? 0.0688 0.0673 0.0691 -0.0119 -0.0074 0.0027  1  LEU A H1   
10  H H2   . LEU A 1 ? 0.0653 0.0636 0.0665 -0.0110 -0.0065 0.0004  1  LEU A H2   
11  H H3   . LEU A 1 ? 0.0664 0.0652 0.0672 -0.0101 -0.0059 0.0011  1  LEU A H3   
12  H HA   . LEU A 1 ? 0.0622 0.0623 0.0592 -0.0068 -0.0014 -0.0015 1  LEU A HA   
13  H HB2  . LEU A 1 ? 0.0870 0.0852 0.0741 -0.0121 -0.0090 0.0048  1  LEU A HB2  
14  H HB3  . LEU A 1 ? 0.0884 0.0869 0.0745 -0.0102 -0.0081 0.0053  1  LEU A HB3  
15  H HG   . LEU A 1 ? 0.1457 0.1511 0.1149 -0.0203 -0.0215 0.0199  1  LEU A HG   
16  H HD11 . LEU A 1 ? 0.1996 0.2144 0.1556 -0.0210 -0.0304 0.0243  1  LEU A HD11 
17  H HD12 . LEU A 1 ? 0.2137 0.2224 0.1569 -0.0317 -0.0356 0.0309  1  LEU A HD12 
18  H HD13 . LEU A 1 ? 0.2016 0.2258 0.1538 -0.0169 -0.0275 0.0295  1  LEU A HD13 
19  H HD21 . LEU A 1 ? 0.1272 0.1326 0.1230 -0.0094 -0.0121 0.0132  1  LEU A HD21 
20  H HD22 . LEU A 1 ? 0.1263 0.1327 0.1230 -0.0088 -0.0114 0.0121  1  LEU A HD22 
21  H HD23 . LEU A 1 ? 0.1242 0.1319 0.1211 -0.0086 -0.0119 0.0128  1  LEU A HD23 
22  N N    . VAL A 2 ? 0.0555 0.0390 0.0399 0.0014  0.0058  -0.0031 2  VAL A N    
23  C CA   . VAL A 2 ? 0.0441 0.0384 0.0364 -0.0072 0.0088  0.0024  2  VAL A CA   
24  C C    . VAL A 2 ? 0.0412 0.0417 0.0569 -0.0004 -0.0069 -0.0177 2  VAL A C    
25  O O    . VAL A 2 ? 0.0548 0.0450 0.0619 -0.0079 0.0088  0.0003  2  VAL A O    
26  C CB   . VAL A 2 ? 0.0529 0.0500 0.0405 -0.0010 -0.0016 -0.0065 2  VAL A CB   
27  C CG1  . VAL A 2 ? 0.0671 0.0654 0.0578 -0.0095 -0.0079 0.0132  2  VAL A CG1  
28  C CG2  . VAL A 2 ? 0.0518 0.0889 0.0512 -0.0105 0.0101  0.0232  2  VAL A CG2  
29  H H    . VAL A 2 ? 0.0437 0.0406 0.0400 -0.0007 0.0047  -0.0019 2  VAL A H    
30  H HA   . VAL A 2 ? 0.0440 0.0421 0.0422 -0.0017 0.0024  -0.0031 2  VAL A HA   
31  H HB   . VAL A 2 ? 0.0494 0.0529 0.0456 -0.0022 0.0021  0.0019  2  VAL A HB   
32  H HG11 . VAL A 2 ? 0.0583 0.0593 0.0544 -0.0040 -0.0027 0.0045  2  VAL A HG11 
33  H HG12 . VAL A 2 ? 0.0591 0.0614 0.0551 -0.0050 -0.0026 0.0043  2  VAL A HG12 
34  H HG13 . VAL A 2 ? 0.0596 0.0595 0.0555 -0.0039 -0.0035 0.0045  2  VAL A HG13 
35  H HG21 . VAL A 2 ? 0.0569 0.0712 0.0535 -0.0059 0.0025  0.0094  2  VAL A HG21 
36  H HG22 . VAL A 2 ? 0.0552 0.0686 0.0528 -0.0041 0.0038  0.0080  2  VAL A HG22 
37  H HG23 . VAL A 2 ? 0.0569 0.0715 0.0531 -0.0021 0.0042  0.0092  2  VAL A HG23 
38  N N    . GLU A 3 ? 0.0348 0.0379 0.0382 -0.0033 0.0075  -0.0040 3  GLU A N    
39  C CA   A GLU A 3 ? 0.0361 0.0624 0.0311 -0.0093 -0.0077 0.0046  3  GLU A CA   
40  C CA   B GLU A 3 ? 0.0363 0.0608 0.0307 -0.0093 -0.0076 0.0048  3  GLU A CA   
41  C C    . GLU A 3 ? 0.0277 0.0475 0.0335 -0.0042 -0.0017 0.0072  3  GLU A C    
42  O O    . GLU A 3 ? 0.0446 0.0454 0.0344 0.0005  0.0001  -0.0098 3  GLU A O    
43  C CB   A GLU A 3 ? 0.0345 0.0585 0.0328 -0.0003 -0.0080 -0.0037 3  GLU A CB   
44  C CB   B GLU A 3 ? 0.0355 0.0532 0.0326 0.0021  -0.0084 -0.0045 3  GLU A CB   
45  C CG   A GLU A 3 ? 0.0466 0.0615 0.0384 0.0000  -0.0117 0.0154  3  GLU A CG   
46  C CG   B GLU A 3 ? 0.0614 0.0668 0.0398 -0.0055 -0.0080 0.0094  3  GLU A CG   
47  C CD   A GLU A 3 ? 0.0395 0.0830 0.0408 -0.0074 0.0079  -0.0104 3  GLU A CD   
48  C CD   B GLU A 3 ? 0.0833 0.0979 0.0949 -0.0291 -0.0099 0.0152  3  GLU A CD   
49  O OE1  A GLU A 3 ? 0.0587 0.0724 0.0560 0.0073  -0.0184 0.0258  3  GLU A OE1  
50  O OE1  B GLU A 3 ? 0.1231 0.1028 0.0998 -0.0014 -0.0269 0.0059  3  GLU A OE1  
51  O OE2  A GLU A 3 ? 0.0893 0.0692 0.0403 -0.0178 -0.0028 0.0138  3  GLU A OE2  
52  O OE2  B GLU A 3 ? 0.0537 0.0693 0.0813 -0.0142 0.0028  0.0064  3  GLU A OE2  
53  H H    . GLU A 3 ? 0.0359 0.0444 0.0386 -0.0019 0.0015  -0.0031 3  GLU A H    
54  H HA   A GLU A 3 ? 0.0382 0.0519 0.0368 -0.0043 -0.0024 0.0025  3  GLU A HA   
55  H HA   B GLU A 3 ? 0.0384 0.0508 0.0368 -0.0040 -0.0022 0.0025  3  GLU A HA   
56  H HB2  A GLU A 3 ? 0.0430 0.0537 0.0366 -0.0003 -0.0041 0.0024  3  GLU A HB2  
57  H HB2  B GLU A 3 ? 0.0462 0.0532 0.0384 -0.0003 -0.0031 0.0009  3  GLU A HB2  
58  H HB3  A GLU A 3 ? 0.0431 0.0534 0.0363 0.0002  -0.0039 0.0021  3  GLU A HB3  
59  H HB3  B GLU A 3 ? 0.0459 0.0526 0.0380 0.0007  -0.0024 0.0005  3  GLU A HB3  
60  H HG2  A GLU A 3 ? 0.0481 0.0594 0.0412 0.0005  -0.0022 0.0040  3  GLU A HG2  
61  H HG2  B GLU A 3 ? 0.0622 0.0667 0.0544 -0.0043 -0.0026 0.0048  3  GLU A HG2  
62  H HG3  A GLU A 3 ? 0.0483 0.0611 0.0424 -0.0007 -0.0033 0.0052  3  GLU A HG3  
63  H HG3  B GLU A 3 ? 0.0624 0.0661 0.0539 -0.0048 -0.0029 0.0044  3  GLU A HG3  
64  N N    . ALA A 4 ? 0.0405 0.0348 0.0289 -0.0089 -0.0061 0.0014  4  ALA A N    
65  C CA   . ALA A 4 ? 0.0362 0.0511 0.0299 -0.0005 -0.0070 -0.0002 4  ALA A CA   
66  C C    . ALA A 4 ? 0.0395 0.0412 0.0309 -0.0045 -0.0065 -0.0025 4  ALA A C    
67  O O    . ALA A 4 ? 0.0467 0.0481 0.0409 -0.0041 0.0006  0.0026  4  ALA A O    
68  C CB   . ALA A 4 ? 0.0417 0.0820 0.0340 -0.0041 -0.0085 0.0145  4  ALA A CB   
69  H H    . ALA A 4 ? 0.0347 0.0380 0.0321 -0.0033 -0.0023 0.0023  4  ALA A H    
70  H HA   . ALA A 4 ? 0.0380 0.0466 0.0334 -0.0013 -0.0035 0.0025  4  ALA A HA   
71  H HB1  . ALA A 4 ? 0.0445 0.0595 0.0398 -0.0012 -0.0042 0.0074  4  ALA A HB1  
72  H HB2  . ALA A 4 ? 0.0452 0.0598 0.0404 -0.0009 -0.0038 0.0077  4  ALA A HB2  
73  H HB3  . ALA A 4 ? 0.0462 0.0637 0.0412 -0.0029 -0.0050 0.0091  4  ALA A HB3  
74  N N    . LEU A 5 ? 0.0312 0.0510 0.0314 0.0043  -0.0010 -0.0057 5  LEU A N    
75  C CA   . LEU A 5 ? 0.0381 0.0556 0.0316 -0.0050 -0.0007 0.0110  5  LEU A CA   
76  C C    . LEU A 5 ? 0.0444 0.0393 0.0407 -0.0013 -0.0035 0.0141  5  LEU A C    
77  O O    . LEU A 5 ? 0.0431 0.0438 0.0432 -0.0047 0.0056  -0.0047 5  LEU A O    
78  C CB   . LEU A 5 ? 0.0634 0.0696 0.0379 0.0029  -0.0076 0.0151  5  LEU A CB   
79  C CG   . LEU A 5 ? 0.1539 0.0991 0.1039 0.0231  0.0306  0.0538  5  LEU A CG   
80  C CD1  . LEU A 5 ? 0.1217 0.1357 0.0905 -0.0141 0.0298  0.0366  5  LEU A CD1  
81  C CD2  . LEU A 5 ? 0.1770 0.1426 0.1256 0.0490  0.0428  0.0744  5  LEU A CD2  
82  H H    . LEU A 5 ? 0.0331 0.0436 0.0317 0.0009  -0.0007 -0.0011 5  LEU A H    
83  H HA   . LEU A 5 ? 0.0415 0.0503 0.0365 -0.0016 -0.0023 0.0070  5  LEU A HA   
84  H HB2  . LEU A 5 ? 0.0687 0.0663 0.0493 0.0016  -0.0009 0.0140  5  LEU A HB2  
85  H HB3  . LEU A 5 ? 0.0703 0.0672 0.0518 0.0026  0.0007  0.0148  5  LEU A HB3  
86  H HG   . LEU A 5 ? 0.1247 0.1086 0.0965 0.0117  0.0165  0.0354  5  LEU A HG   
87  H HD11 . LEU A 5 ? 0.1128 0.1075 0.0949 -0.0040 0.0159  0.0235  5  LEU A HD11 
88  H HD12 . LEU A 5 ? 0.1175 0.1136 0.0996 -0.0005 0.0160  0.0242  5  LEU A HD12 
89  H HD13 . LEU A 5 ? 0.1171 0.1113 0.0987 -0.0021 0.0158  0.0212  5  LEU A HD13 
90  H HD21 . LEU A 5 ? 0.1504 0.1323 0.1247 0.0224  0.0175  0.0418  5  LEU A HD21 
91  H HD22 . LEU A 5 ? 0.1489 0.1287 0.1149 0.0230  0.0142  0.0342  5  LEU A HD22 
92  H HD23 . LEU A 5 ? 0.1483 0.1251 0.1140 0.0209  0.0154  0.0353  5  LEU A HD23 
93  N N    . TYR A 6 ? 0.0331 0.0425 0.0406 -0.0002 0.0025  -0.0003 6  TYR A N    
94  C CA   . TYR A 6 ? 0.0287 0.0586 0.0297 -0.0006 -0.0022 0.0101  6  TYR A CA   
95  C C    . TYR A 6 ? 0.0525 0.0424 0.0372 -0.0001 -0.0057 0.0071  6  TYR A C    
96  O O    . TYR A 6 ? 0.0544 0.0622 0.0581 -0.0056 0.0150  -0.0034 6  TYR A O    
97  C CB   . TYR A 6 ? 0.0337 0.0684 0.0439 -0.0056 -0.0092 0.0120  6  TYR A CB   
98  C CG   . TYR A 6 ? 0.0444 0.0422 0.0432 -0.0051 -0.0146 0.0083  6  TYR A CG   
99  C CD1  . TYR A 6 ? 0.0500 0.0520 0.0374 0.0056  0.0009  0.0102  6  TYR A CD1  
100 C CD2  . TYR A 6 ? 0.0485 0.0421 0.0516 -0.0043 -0.0113 0.0008  6  TYR A CD2  
101 C CE1  . TYR A 6 ? 0.0528 0.0291 0.0523 -0.0054 -0.0058 0.0004  6  TYR A CE1  
102 C CE2  . TYR A 6 ? 0.0455 0.0431 0.0365 -0.0126 -0.0075 0.0112  6  TYR A CE2  
103 C CZ   . TYR A 6 ? 0.0311 0.0476 0.0489 -0.0012 0.0035  0.0053  6  TYR A CZ   
104 O OH   . TYR A 6 ? 0.0458 0.0413 0.0511 -0.0087 0.0026  0.0073  6  TYR A OH   
105 H H    . TYR A 6 ? 0.0344 0.0404 0.0367 -0.0010 0.0006  0.0023  6  TYR A H    
106 H HA   . TYR A 6 ? 0.0360 0.0488 0.0373 -0.0021 -0.0025 0.0057  6  TYR A HA   
107 H HB2  . TYR A 6 ? 0.0387 0.0529 0.0413 -0.0046 -0.0067 0.0079  6  TYR A HB2  
108 H HB3  . TYR A 6 ? 0.0375 0.0520 0.0406 -0.0037 -0.0055 0.0074  6  TYR A HB3  
109 H HD1  . TYR A 6 ? 0.0461 0.0432 0.0410 0.0008  -0.0028 0.0056  6  TYR A HD1  
110 H HD2  . TYR A 6 ? 0.0430 0.0410 0.0439 -0.0045 -0.0073 0.0030  6  TYR A HD2  
111 H HE1  . TYR A 6 ? 0.0440 0.0392 0.0452 -0.0011 -0.0019 0.0024  6  TYR A HE1  
112 H HE2  . TYR A 6 ? 0.0394 0.0411 0.0423 -0.0050 -0.0042 0.0047  6  TYR A HE2  
113 H HH   . TYR A 6 ? 0.0404 0.0440 0.0463 -0.0043 0.0013  0.0028  6  TYR A HH   
114 N N    . LEU A 7 ? 0.0553 0.0535 0.0576 -0.0070 0.0200  -0.0083 7  LEU A N    
115 C CA   . LEU A 7 ? 0.0946 0.0793 0.0568 -0.0248 -0.0012 0.0084  7  LEU A CA   
116 C C    . LEU A 7 ? 0.0689 0.1405 0.0740 -0.0330 0.0067  0.0067  7  LEU A C    
117 O O    . LEU A 7 ? 0.1320 0.2696 0.1094 -0.0569 -0.0096 -0.0438 7  LEU A O    
118 C CB   . LEU A 7 ? 0.1185 0.1734 0.1293 -0.0260 -0.0031 0.0218  7  LEU A CB   
119 C CG   . LEU A 7 ? 0.1354 0.1276 0.1676 -0.0183 0.0099  0.0607  7  LEU A CG   
120 C CD1  . LEU A 7 ? 0.2485 0.2433 0.2226 -0.0450 0.0216  0.0962  7  LEU A CD1  
121 C CD2  . LEU A 7 ? 0.1431 0.1482 0.1302 -0.0213 -0.0228 0.0387  7  LEU A CD2  
122 O OXT  . LEU A 7 ? 0.1050 0.1121 0.1477 -0.0330 -0.0063 -0.0129 7  LEU A OXT  
123 H H    . LEU A 7 ? 0.0547 0.0518 0.0485 -0.0035 0.0071  -0.0026 7  LEU A H    
124 H HA   . LEU A 7 ? 0.0846 0.0947 0.0750 -0.0152 0.0020  0.0053  7  LEU A HA   
125 H HB2  . LEU A 7 ? 0.1192 0.1256 0.1135 -0.0131 -0.0006 0.0184  7  LEU A HB2  
126 H HB3  . LEU A 7 ? 0.1198 0.1290 0.1161 -0.0117 0.0008  0.0210  7  LEU A HB3  
127 H HG   . LEU A 7 ? 0.1491 0.1500 0.1493 -0.0164 0.0012  0.0412  7  LEU A HG   
128 H HD11 . LEU A 7 ? 0.1939 0.1795 0.1746 -0.0170 0.0068  0.0485  7  LEU A HD11 
129 H HD12 . LEU A 7 ? 0.1922 0.1863 0.1756 -0.0257 0.0078  0.0462  7  LEU A HD12 
130 H HD13 . LEU A 7 ? 0.1879 0.1889 0.1878 -0.0185 0.0071  0.0582  7  LEU A HD13 
131 H HD21 . LEU A 7 ? 0.1335 0.1366 0.1320 -0.0128 -0.0073 0.0238  7  LEU A HD21 
132 H HD22 . LEU A 7 ? 0.1326 0.1352 0.1310 -0.0121 -0.0076 0.0246  7  LEU A HD22 
133 H HD23 . LEU A 7 ? 0.1332 0.1373 0.1335 -0.0115 -0.0074 0.0258  7  LEU A HD23 
134 O O    . HOH B . ? 0.3616 0.3812 0.3761 0.0440  -0.0661 0.1162  8  HOH A O    
135 O O    . HOH B . ? 0.3468 0.4885 0.2298 -0.0448 -0.0863 0.0813  9  HOH A O    
136 O O    . HOH B . ? 0.4037 0.3003 0.3232 -0.0244 -0.0149 -0.0234 10 HOH A O    
# 
